data_4KP1
#
_entry.id   4KP1
#
_cell.length_a   77.457
_cell.length_b   98.838
_cell.length_c   142.680
_cell.angle_alpha   90.00
_cell.angle_beta   90.00
_cell.angle_gamma   90.00
#
_symmetry.space_group_name_H-M   'I 2 2 2'
#
loop_
_entity.id
_entity.type
_entity.pdbx_description
1 polymer 'Isopropylmalate/citramalate isomerase large subunit'
2 non-polymer 2,4-dimethylpentane-2,4-diol
3 non-polymer (4S)-2-METHYL-2,4-PENTANEDIOL
4 non-polymer 'MAGNESIUM ION'
5 water water
#
_entity_poly.entity_id   1
_entity_poly.type   'polypeptide(L)'
_entity_poly.pdbx_seq_one_letter_code
;(MSE)GSSHHHHHHSSGLVPRGSH(MSE)(MSE)G(MSE)TIVEKILAKASGKKEVSPGDIV(MSE)ANIDVA(MSE)VH
DITGPLTVNTLKEYGIEKVWNPEKIVILFDHQVPADSIKAAENHIL(MSE)RKFVKEQGIKYFYDIREGVCHQVLPEKGH
VAPGEVVVGADSHTCTHGAFGAFATGIGSTD(MSE)AHVFATGKLWFKVPETIYFNITGDLQPYVTSKDVILSIIGEVGV
DGATYKACQFGGETVKK(MSE)SIASR(MSE)T(MSE)TN(MSE)AIE(MSE)GGKTGIIEPDEKTIQYVKEA(MSE)KK
HGTERPFEVIKGDEDAEFAEVYEIEADKIEPVFACPHNVDNVKQAREVAGKPIDQVFIGSCTNGRLEDLR(MSE)AIKII
EKHGGIADDVRVVVTPASREEYLKALKEGIIEKFLKYGCVVTNPSCSAC(MSE)GSLYGVLGPGEVCVSTSNRNFRGRQG
SLEAEIYLASPITAAACAVKGELVDPRDL
;
_entity_poly.pdbx_strand_id   A
#
# COMPACT_ATOMS: atom_id res chain seq x y z
N GLY A 23 3.42 26.48 15.12
CA GLY A 23 4.36 25.39 14.87
C GLY A 23 3.61 24.06 14.75
N THR A 25 2.83 20.09 12.76
CA THR A 25 3.21 18.95 11.90
C THR A 25 2.53 19.07 10.53
N ILE A 26 3.00 18.30 9.55
CA ILE A 26 2.35 18.26 8.25
C ILE A 26 0.88 17.84 8.38
N VAL A 27 0.58 16.85 9.21
CA VAL A 27 -0.82 16.39 9.33
C VAL A 27 -1.72 17.50 9.88
N GLU A 28 -1.25 18.17 10.93
CA GLU A 28 -1.94 19.33 11.49
C GLU A 28 -2.22 20.41 10.42
N LYS A 29 -1.21 20.75 9.65
CA LYS A 29 -1.41 21.77 8.64
C LYS A 29 -2.44 21.37 7.58
N ILE A 30 -2.36 20.11 7.13
CA ILE A 30 -3.29 19.61 6.11
C ILE A 30 -4.72 19.68 6.65
N LEU A 31 -4.94 19.20 7.87
CA LEU A 31 -6.28 19.26 8.49
C LEU A 31 -6.78 20.69 8.88
N ALA A 32 -5.85 21.57 9.28
CA ALA A 32 -6.16 22.98 9.43
C ALA A 32 -6.65 23.59 8.12
N LYS A 33 -5.87 23.46 7.05
CA LYS A 33 -6.27 24.05 5.78
C LYS A 33 -7.61 23.47 5.36
N ALA A 34 -7.75 22.16 5.49
CA ALA A 34 -8.95 21.47 5.00
C ALA A 34 -10.22 21.84 5.78
N SER A 35 -10.06 22.32 7.02
CA SER A 35 -11.20 22.71 7.83
C SER A 35 -11.36 24.23 7.95
N GLY A 36 -10.47 24.96 7.28
CA GLY A 36 -10.53 26.42 7.21
C GLY A 36 -10.14 27.06 8.52
N LYS A 37 -9.33 26.33 9.31
CA LYS A 37 -8.86 26.80 10.60
C LYS A 37 -7.45 27.39 10.47
N LYS A 38 -7.12 28.31 11.36
CA LYS A 38 -5.77 28.88 11.37
C LYS A 38 -4.77 27.86 11.90
N GLU A 39 -5.22 27.08 12.87
CA GLU A 39 -4.36 26.11 13.55
C GLU A 39 -5.17 24.96 14.12
N VAL A 40 -4.48 23.88 14.46
CA VAL A 40 -5.09 22.67 14.91
C VAL A 40 -4.10 21.99 15.88
N SER A 41 -4.61 21.29 16.88
CA SER A 41 -3.73 20.55 17.80
C SER A 41 -4.25 19.15 17.85
N PRO A 42 -3.38 18.18 18.19
CA PRO A 42 -3.84 16.80 18.34
C PRO A 42 -5.00 16.72 19.34
N GLY A 43 -6.03 15.95 19.01
CA GLY A 43 -7.19 15.83 19.86
C GLY A 43 -8.31 16.77 19.43
N ASP A 44 -7.99 17.83 18.69
CA ASP A 44 -9.06 18.63 18.10
C ASP A 44 -9.91 17.80 17.17
N ILE A 45 -11.21 18.07 17.18
CA ILE A 45 -12.11 17.39 16.26
C ILE A 45 -12.59 18.42 15.26
N VAL A 46 -12.24 18.22 14.00
CA VAL A 46 -12.48 19.21 12.96
C VAL A 46 -13.22 18.59 11.78
N ALA A 48 -13.42 18.44 7.87
CA ALA A 48 -12.46 18.66 6.80
C ALA A 48 -13.04 18.35 5.43
N ASN A 49 -12.81 19.26 4.48
CA ASN A 49 -13.04 18.99 3.08
C ASN A 49 -12.24 17.77 2.56
N ILE A 50 -12.91 16.87 1.84
CA ILE A 50 -12.29 15.68 1.23
C ILE A 50 -11.89 15.96 -0.23
N ASP A 51 -10.65 15.63 -0.58
CA ASP A 51 -10.19 15.79 -1.98
C ASP A 51 -10.52 14.61 -2.89
N VAL A 52 -10.40 13.40 -2.38
CA VAL A 52 -10.66 12.23 -3.21
C VAL A 52 -11.07 11.12 -2.30
N ALA A 53 -12.12 10.40 -2.72
CA ALA A 53 -12.68 9.30 -1.95
C ALA A 53 -12.66 8.06 -2.84
N VAL A 55 -13.34 3.94 -3.36
CA VAL A 55 -14.07 2.76 -2.92
C VAL A 55 -13.89 1.58 -3.88
N HIS A 56 -13.76 0.40 -3.32
CA HIS A 56 -13.74 -0.79 -4.16
C HIS A 56 -14.47 -1.95 -3.51
N ASP A 57 -14.84 -2.92 -4.33
CA ASP A 57 -15.56 -4.10 -3.85
C ASP A 57 -16.82 -3.74 -3.08
N ILE A 58 -17.05 -4.40 -1.95
CA ILE A 58 -18.36 -4.33 -1.30
C ILE A 58 -18.68 -2.94 -0.74
N THR A 59 -17.68 -2.17 -0.32
CA THR A 59 -17.99 -0.87 0.28
C THR A 59 -18.69 0.03 -0.76
N GLY A 60 -18.45 -0.24 -2.05
CA GLY A 60 -19.13 0.47 -3.11
C GLY A 60 -20.64 0.34 -2.98
N PRO A 61 -21.15 -0.92 -3.01
CA PRO A 61 -22.61 -1.13 -2.86
C PRO A 61 -23.21 -0.75 -1.51
N LEU A 62 -22.48 -0.88 -0.42
CA LEU A 62 -23.00 -0.40 0.85
C LEU A 62 -23.24 1.09 0.74
N THR A 63 -22.22 1.80 0.23
CA THR A 63 -22.25 3.26 0.22
C THR A 63 -23.37 3.78 -0.65
N VAL A 64 -23.49 3.22 -1.86
CA VAL A 64 -24.54 3.60 -2.80
C VAL A 64 -25.95 3.35 -2.21
N ASN A 65 -26.07 2.24 -1.49
CA ASN A 65 -27.31 1.87 -0.83
C ASN A 65 -27.70 2.84 0.31
N THR A 66 -26.75 3.12 1.21
CA THR A 66 -26.96 4.15 2.21
C THR A 66 -27.44 5.47 1.57
N LEU A 67 -26.79 5.85 0.48
CA LEU A 67 -27.14 7.10 -0.18
C LEU A 67 -28.59 7.05 -0.69
N LYS A 68 -28.98 5.90 -1.24
CA LYS A 68 -30.33 5.72 -1.77
C LYS A 68 -31.35 5.87 -0.65
N GLU A 69 -31.08 5.26 0.49
CA GLU A 69 -31.95 5.32 1.67
C GLU A 69 -32.16 6.72 2.24
N TYR A 70 -31.16 7.60 2.12
CA TYR A 70 -31.33 8.96 2.61
C TYR A 70 -31.98 9.84 1.54
N GLY A 71 -32.19 9.31 0.35
CA GLY A 71 -32.71 10.10 -0.75
C GLY A 71 -31.72 11.09 -1.35
N ILE A 72 -30.43 10.81 -1.18
CA ILE A 72 -29.41 11.66 -1.80
C ILE A 72 -29.35 11.40 -3.29
N GLU A 73 -29.86 12.31 -4.11
CA GLU A 73 -29.84 12.13 -5.56
C GLU A 73 -28.42 12.19 -6.15
N LYS A 74 -27.55 13.02 -5.58
CA LYS A 74 -26.26 13.32 -6.20
C LYS A 74 -25.07 13.26 -5.22
N VAL A 75 -23.94 12.70 -5.67
CA VAL A 75 -22.70 12.82 -4.92
C VAL A 75 -22.22 14.28 -4.97
N TRP A 76 -21.38 14.67 -4.03
CA TRP A 76 -21.02 16.11 -3.98
C TRP A 76 -20.18 16.53 -5.17
N ASN A 77 -19.26 15.67 -5.59
CA ASN A 77 -18.39 15.96 -6.72
C ASN A 77 -17.97 14.64 -7.38
N PRO A 78 -18.54 14.35 -8.56
CA PRO A 78 -18.29 13.08 -9.25
C PRO A 78 -16.84 12.94 -9.74
N GLU A 79 -16.09 14.03 -9.70
CA GLU A 79 -14.68 14.03 -10.10
C GLU A 79 -13.72 13.82 -8.93
N LYS A 80 -14.26 13.62 -7.72
CA LYS A 80 -13.40 13.41 -6.55
C LYS A 80 -13.70 12.05 -5.94
N ILE A 81 -14.38 11.23 -6.74
CA ILE A 81 -14.65 9.84 -6.36
C ILE A 81 -13.96 8.87 -7.34
N VAL A 82 -13.22 7.93 -6.77
CA VAL A 82 -12.58 6.90 -7.55
C VAL A 82 -13.14 5.54 -7.16
N ILE A 83 -13.73 4.88 -8.14
CA ILE A 83 -14.34 3.57 -7.95
C ILE A 83 -13.55 2.46 -8.65
N LEU A 84 -13.16 1.43 -7.90
CA LEU A 84 -12.58 0.24 -8.50
C LEU A 84 -13.59 -0.90 -8.41
N PHE A 85 -13.89 -1.50 -9.55
CA PHE A 85 -14.91 -2.54 -9.55
C PHE A 85 -14.69 -3.54 -10.69
N ASP A 86 -15.00 -4.81 -10.43
CA ASP A 86 -14.81 -5.87 -11.42
C ASP A 86 -15.66 -5.66 -12.67
N HIS A 87 -15.01 -5.58 -13.84
CA HIS A 87 -15.72 -5.46 -15.12
C HIS A 87 -16.48 -6.72 -15.48
N GLN A 88 -15.96 -7.88 -15.06
CA GLN A 88 -16.64 -9.15 -15.27
C GLN A 88 -17.80 -9.32 -14.30
N VAL A 89 -18.97 -9.67 -14.81
CA VAL A 89 -20.04 -10.12 -13.91
C VAL A 89 -19.66 -11.47 -13.28
N PRO A 90 -19.75 -11.57 -11.95
CA PRO A 90 -19.46 -12.83 -11.25
C PRO A 90 -20.42 -13.93 -11.75
N ALA A 91 -19.87 -15.07 -12.16
CA ALA A 91 -20.61 -16.07 -12.95
C ALA A 91 -21.77 -16.77 -12.23
N ASP A 92 -21.74 -16.80 -10.91
CA ASP A 92 -22.79 -17.49 -10.16
C ASP A 92 -23.77 -16.59 -9.40
N SER A 93 -23.33 -16.05 -8.26
CA SER A 93 -24.22 -15.32 -7.35
C SER A 93 -24.96 -14.16 -8.04
N ILE A 94 -26.29 -14.18 -7.90
CA ILE A 94 -27.16 -13.20 -8.52
C ILE A 94 -27.06 -11.85 -7.79
N LYS A 95 -26.67 -11.91 -6.52
CA LYS A 95 -26.46 -10.70 -5.72
C LYS A 95 -25.32 -9.87 -6.32
N ALA A 96 -24.20 -10.52 -6.62
CA ALA A 96 -23.06 -9.83 -7.23
C ALA A 96 -23.37 -9.35 -8.64
N ALA A 97 -24.26 -10.03 -9.34
CA ALA A 97 -24.67 -9.55 -10.65
C ALA A 97 -25.55 -8.33 -10.42
N GLU A 98 -26.30 -8.36 -9.33
CA GLU A 98 -27.16 -7.24 -8.97
C GLU A 98 -26.31 -6.05 -8.54
N ASN A 99 -25.37 -6.28 -7.63
CA ASN A 99 -24.40 -5.26 -7.25
C ASN A 99 -23.67 -4.66 -8.45
N HIS A 100 -23.41 -5.49 -9.45
CA HIS A 100 -22.70 -5.05 -10.64
C HIS A 100 -23.53 -4.10 -11.50
N ILE A 101 -24.80 -4.45 -11.70
CA ILE A 101 -25.74 -3.58 -12.40
C ILE A 101 -25.91 -2.24 -11.65
N LEU A 102 -26.01 -2.34 -10.33
CA LEU A 102 -26.12 -1.19 -9.44
C LEU A 102 -24.95 -0.21 -9.67
N ARG A 104 -22.87 0.10 -12.21
CA ARG A 104 -22.83 0.66 -13.56
C ARG A 104 -23.85 1.78 -13.69
N LYS A 105 -25.01 1.58 -13.09
CA LYS A 105 -26.07 2.59 -13.09
C LYS A 105 -25.57 3.87 -12.39
N PHE A 106 -25.07 3.70 -11.17
CA PHE A 106 -24.49 4.78 -10.37
C PHE A 106 -23.42 5.58 -11.14
N VAL A 107 -22.39 4.89 -11.60
CA VAL A 107 -21.32 5.51 -12.38
C VAL A 107 -21.90 6.33 -13.52
N LYS A 108 -22.85 5.75 -14.23
CA LYS A 108 -23.44 6.41 -15.37
C LYS A 108 -24.29 7.63 -14.95
N GLU A 109 -25.19 7.42 -14.01
CA GLU A 109 -26.10 8.48 -13.60
C GLU A 109 -25.38 9.61 -12.88
N GLN A 110 -24.40 9.26 -12.06
CA GLN A 110 -23.67 10.26 -11.29
C GLN A 110 -22.63 10.94 -12.16
N GLY A 111 -22.37 10.38 -13.34
CA GLY A 111 -21.30 10.91 -14.19
C GLY A 111 -19.91 10.76 -13.57
N ILE A 112 -19.66 9.63 -12.92
CA ILE A 112 -18.35 9.38 -12.28
C ILE A 112 -17.28 9.13 -13.34
N LYS A 113 -16.30 10.02 -13.41
CA LYS A 113 -15.28 9.96 -14.44
C LYS A 113 -14.34 8.77 -14.20
N TYR A 114 -13.86 8.66 -12.96
CA TYR A 114 -12.78 7.78 -12.60
C TYR A 114 -13.18 6.45 -12.03
N PHE A 115 -13.39 5.49 -12.94
CA PHE A 115 -13.71 4.12 -12.56
C PHE A 115 -12.78 3.11 -13.26
N TYR A 116 -12.31 2.13 -12.49
CA TYR A 116 -11.25 1.23 -12.92
C TYR A 116 -11.61 -0.22 -12.58
N ASP A 117 -11.20 -1.13 -13.45
CA ASP A 117 -11.40 -2.57 -13.24
C ASP A 117 -10.62 -2.98 -12.00
N ILE A 118 -11.15 -3.92 -11.24
CA ILE A 118 -10.45 -4.38 -10.03
C ILE A 118 -9.06 -4.97 -10.39
N ARG A 119 -8.88 -5.28 -11.69
CA ARG A 119 -7.64 -5.87 -12.18
C ARG A 119 -6.72 -4.85 -12.86
N GLU A 120 -7.13 -3.58 -12.87
CA GLU A 120 -6.23 -2.50 -13.26
C GLU A 120 -4.91 -2.57 -12.44
N GLY A 121 -5.00 -3.09 -11.22
CA GLY A 121 -3.87 -3.14 -10.32
C GLY A 121 -4.31 -3.34 -8.88
N VAL A 122 -3.37 -3.54 -7.97
CA VAL A 122 -3.73 -3.66 -6.56
C VAL A 122 -4.22 -2.29 -6.10
N CYS A 123 -5.05 -2.27 -5.05
CA CYS A 123 -5.84 -1.08 -4.67
C CYS A 123 -5.00 0.20 -4.59
N HIS A 124 -3.94 0.12 -3.81
CA HIS A 124 -3.16 1.32 -3.49
C HIS A 124 -2.11 1.72 -4.50
N GLN A 125 -2.05 0.99 -5.63
CA GLN A 125 -1.13 1.33 -6.71
C GLN A 125 -1.81 2.19 -7.75
N VAL A 126 -3.06 1.82 -8.06
CA VAL A 126 -3.84 2.48 -9.10
C VAL A 126 -4.16 3.92 -8.76
N LEU A 127 -4.55 4.20 -7.52
CA LEU A 127 -4.91 5.57 -7.16
C LEU A 127 -3.79 6.62 -7.41
N PRO A 128 -2.59 6.37 -6.87
CA PRO A 128 -1.55 7.37 -7.15
C PRO A 128 -1.01 7.39 -8.59
N GLU A 129 -0.93 6.24 -9.25
CA GLU A 129 -0.31 6.25 -10.57
C GLU A 129 -1.19 6.97 -11.59
N LYS A 130 -2.48 7.15 -11.29
CA LYS A 130 -3.32 7.89 -12.25
C LYS A 130 -3.35 9.37 -11.91
N GLY A 131 -2.62 9.77 -10.86
CA GLY A 131 -2.60 11.17 -10.47
C GLY A 131 -3.66 11.58 -9.47
N HIS A 132 -4.37 10.63 -8.86
CA HIS A 132 -5.47 11.00 -7.95
C HIS A 132 -5.03 11.40 -6.52
N VAL A 133 -3.71 11.37 -6.27
CA VAL A 133 -3.18 11.73 -4.94
C VAL A 133 -2.11 12.81 -5.07
N ALA A 134 -2.36 14.00 -4.53
CA ALA A 134 -1.38 15.08 -4.56
C ALA A 134 -0.98 15.51 -3.12
N PRO A 135 0.21 16.13 -2.99
CA PRO A 135 0.58 16.73 -1.70
C PRO A 135 -0.53 17.66 -1.19
N GLY A 136 -0.80 17.59 0.12
CA GLY A 136 -1.64 18.58 0.79
C GLY A 136 -3.10 18.19 0.77
N GLU A 137 -3.38 17.02 0.18
CA GLU A 137 -4.76 16.58 -0.03
C GLU A 137 -5.25 15.68 1.10
N VAL A 138 -6.57 15.65 1.29
CA VAL A 138 -7.18 14.73 2.21
C VAL A 138 -7.78 13.59 1.39
N VAL A 139 -7.25 12.38 1.61
CA VAL A 139 -7.65 11.19 0.87
C VAL A 139 -8.36 10.24 1.81
N VAL A 140 -9.57 9.82 1.45
CA VAL A 140 -10.18 8.72 2.21
C VAL A 140 -10.42 7.47 1.32
N GLY A 141 -10.33 6.29 1.93
CA GLY A 141 -10.46 5.05 1.21
C GLY A 141 -11.15 3.98 2.05
N ALA A 142 -11.80 3.05 1.36
CA ALA A 142 -12.53 2.00 2.03
C ALA A 142 -11.63 0.95 2.64
N ASP A 143 -10.36 0.91 2.25
CA ASP A 143 -9.47 -0.16 2.71
C ASP A 143 -8.58 0.24 3.92
N SER A 144 -8.23 -0.76 4.73
CA SER A 144 -7.44 -0.58 5.93
C SER A 144 -6.05 -0.01 5.63
N HIS A 145 -5.60 -0.09 4.37
CA HIS A 145 -4.20 0.25 3.99
C HIS A 145 -4.11 1.49 3.10
N THR A 146 -5.16 2.33 3.17
CA THR A 146 -5.19 3.64 2.50
C THR A 146 -4.08 4.56 3.02
N CYS A 147 -3.53 4.25 4.20
CA CYS A 147 -2.35 4.95 4.74
C CYS A 147 -1.22 5.04 3.71
N THR A 148 -1.21 4.08 2.77
CA THR A 148 -0.22 4.03 1.69
C THR A 148 0.03 5.39 1.10
N HIS A 149 -1.05 6.10 0.82
CA HIS A 149 -1.01 7.37 0.05
C HIS A 149 -0.43 8.54 0.82
N GLY A 150 -0.15 8.35 2.10
CA GLY A 150 0.63 9.34 2.82
C GLY A 150 2.06 9.52 2.31
N ALA A 151 2.52 8.59 1.46
CA ALA A 151 3.83 8.73 0.81
C ALA A 151 3.88 9.99 -0.01
N PHE A 152 2.72 10.51 -0.40
CA PHE A 152 2.69 11.68 -1.29
C PHE A 152 2.52 13.02 -0.57
N GLY A 153 2.68 13.04 0.75
CA GLY A 153 2.44 14.25 1.50
C GLY A 153 0.96 14.56 1.58
N ALA A 154 0.13 13.49 1.58
CA ALA A 154 -1.34 13.62 1.68
C ALA A 154 -1.74 13.01 3.00
N PHE A 155 -2.87 13.46 3.56
CA PHE A 155 -3.44 12.83 4.76
C PHE A 155 -4.46 11.79 4.29
N ALA A 156 -4.16 10.52 4.53
CA ALA A 156 -4.87 9.43 3.86
C ALA A 156 -5.24 8.44 4.92
N THR A 157 -6.54 8.16 5.02
CA THR A 157 -7.03 7.23 6.03
C THR A 157 -8.11 6.29 5.49
N GLY A 158 -8.20 5.13 6.11
CA GLY A 158 -9.27 4.20 5.81
C GLY A 158 -10.50 4.51 6.66
N ILE A 159 -11.68 4.51 6.05
CA ILE A 159 -12.93 4.77 6.77
C ILE A 159 -13.98 3.73 6.38
N GLY A 160 -14.99 3.53 7.22
CA GLY A 160 -16.06 2.56 6.97
C GLY A 160 -17.13 3.11 6.05
N SER A 161 -18.08 2.26 5.65
CA SER A 161 -19.10 2.70 4.72
C SER A 161 -20.05 3.80 5.25
N THR A 162 -20.31 3.85 6.56
CA THR A 162 -21.14 4.95 7.08
C THR A 162 -20.49 6.32 6.81
N ASP A 163 -19.23 6.45 7.20
CA ASP A 163 -18.45 7.65 6.91
C ASP A 163 -18.36 7.90 5.41
N ALA A 165 -20.49 7.06 3.05
CA ALA A 165 -21.74 7.67 2.56
C ALA A 165 -21.79 9.14 2.91
N HIS A 166 -21.40 9.50 4.13
CA HIS A 166 -21.38 10.92 4.51
C HIS A 166 -20.46 11.68 3.58
N VAL A 167 -19.29 11.08 3.27
CA VAL A 167 -18.34 11.74 2.37
C VAL A 167 -18.96 11.92 0.97
N PHE A 168 -19.56 10.86 0.42
CA PHE A 168 -20.20 10.97 -0.91
C PHE A 168 -21.28 12.05 -0.93
N ALA A 169 -22.00 12.18 0.18
CA ALA A 169 -23.10 13.14 0.22
C ALA A 169 -22.62 14.57 0.34
N THR A 170 -21.59 14.80 1.13
CA THR A 170 -21.26 16.17 1.56
C THR A 170 -19.86 16.66 1.18
N GLY A 171 -18.98 15.73 0.84
CA GLY A 171 -17.60 16.11 0.58
C GLY A 171 -16.83 16.49 1.85
N LYS A 172 -17.34 16.07 3.01
CA LYS A 172 -16.75 16.41 4.30
C LYS A 172 -16.75 15.21 5.18
N LEU A 173 -15.90 15.27 6.22
CA LEU A 173 -15.91 14.27 7.27
C LEU A 173 -15.28 14.88 8.54
N TRP A 174 -15.79 14.48 9.71
CA TRP A 174 -15.13 14.84 10.97
C TRP A 174 -13.89 13.98 11.14
N PHE A 175 -12.80 14.60 11.56
CA PHE A 175 -11.59 13.86 11.86
C PHE A 175 -11.14 14.28 13.24
N LYS A 176 -10.55 13.36 14.02
CA LYS A 176 -9.83 13.79 15.21
C LYS A 176 -8.37 13.94 14.81
N VAL A 177 -7.78 15.11 15.03
CA VAL A 177 -6.39 15.33 14.66
C VAL A 177 -5.51 14.40 15.48
N PRO A 178 -4.74 13.53 14.81
CA PRO A 178 -3.88 12.62 15.56
C PRO A 178 -2.55 13.25 15.99
N GLU A 179 -1.93 12.67 17.01
CA GLU A 179 -0.54 12.97 17.31
C GLU A 179 0.35 12.31 16.28
N THR A 180 1.57 12.81 16.17
CA THR A 180 2.54 12.28 15.22
C THR A 180 3.74 11.69 15.92
N ILE A 181 4.12 10.49 15.48
CA ILE A 181 5.40 9.93 15.82
C ILE A 181 6.28 10.15 14.61
N TYR A 182 7.44 10.75 14.84
CA TYR A 182 8.37 11.00 13.74
C TYR A 182 9.51 9.97 13.75
N PHE A 183 9.67 9.24 12.65
CA PHE A 183 10.82 8.37 12.49
C PHE A 183 11.88 9.07 11.64
N ASN A 184 12.95 9.54 12.28
CA ASN A 184 14.04 10.18 11.59
C ASN A 184 15.05 9.14 11.13
N ILE A 185 15.08 8.88 9.82
CA ILE A 185 15.89 7.79 9.29
C ILE A 185 17.09 8.35 8.54
N THR A 186 18.29 8.04 9.03
CA THR A 186 19.51 8.63 8.45
C THR A 186 20.55 7.56 8.16
N GLY A 187 21.51 7.91 7.33
CA GLY A 187 22.50 6.95 6.89
C GLY A 187 22.13 6.37 5.53
N ASP A 188 22.97 5.44 5.07
CA ASP A 188 22.77 4.81 3.77
C ASP A 188 22.38 3.37 4.01
N LEU A 189 21.43 2.88 3.21
CA LEU A 189 21.05 1.47 3.29
C LEU A 189 22.19 0.63 2.71
N GLN A 190 22.57 -0.42 3.41
CA GLN A 190 23.60 -1.32 2.89
C GLN A 190 23.08 -2.14 1.72
N PRO A 191 24.00 -2.72 0.91
CA PRO A 191 23.59 -3.61 -0.18
C PRO A 191 22.60 -4.70 0.26
N TYR A 192 21.60 -4.93 -0.59
CA TYR A 192 20.55 -5.93 -0.39
C TYR A 192 19.51 -5.54 0.64
N VAL A 193 19.61 -4.31 1.15
CA VAL A 193 18.64 -3.82 2.12
C VAL A 193 17.69 -2.80 1.47
N THR A 194 16.39 -2.90 1.79
CA THR A 194 15.39 -2.07 1.13
C THR A 194 14.50 -1.37 2.15
N SER A 195 13.63 -0.46 1.70
CA SER A 195 12.69 0.18 2.62
C SER A 195 11.74 -0.81 3.30
N LYS A 196 11.53 -1.99 2.68
CA LYS A 196 10.73 -3.05 3.30
C LYS A 196 11.39 -3.47 4.61
N ASP A 197 12.72 -3.61 4.58
CA ASP A 197 13.42 -3.99 5.80
C ASP A 197 13.40 -2.89 6.85
N VAL A 198 13.54 -1.64 6.41
CA VAL A 198 13.39 -0.50 7.32
C VAL A 198 12.02 -0.54 8.01
N ILE A 199 10.94 -0.60 7.24
CA ILE A 199 9.62 -0.54 7.88
C ILE A 199 9.34 -1.76 8.79
N LEU A 200 9.74 -2.95 8.32
CA LEU A 200 9.60 -4.17 9.12
C LEU A 200 10.38 -4.08 10.42
N SER A 201 11.60 -3.54 10.36
CA SER A 201 12.40 -3.37 11.57
C SER A 201 11.76 -2.36 12.55
N ILE A 202 11.19 -1.30 12.00
CA ILE A 202 10.48 -0.33 12.82
C ILE A 202 9.29 -1.02 13.50
N ILE A 203 8.59 -1.86 12.76
CA ILE A 203 7.38 -2.49 13.30
C ILE A 203 7.69 -3.57 14.35
N GLY A 204 8.78 -4.32 14.17
CA GLY A 204 9.22 -5.30 15.17
C GLY A 204 9.51 -4.67 16.52
N GLU A 205 10.06 -3.46 16.51
CA GLU A 205 10.32 -2.68 17.73
C GLU A 205 9.07 -2.04 18.34
N VAL A 206 8.20 -1.46 17.50
CA VAL A 206 7.08 -0.65 17.96
C VAL A 206 5.92 -1.53 18.37
N GLY A 207 5.76 -2.66 17.69
CA GLY A 207 4.71 -3.63 18.01
C GLY A 207 3.43 -3.35 17.27
N VAL A 208 2.58 -4.36 17.12
CA VAL A 208 1.30 -4.19 16.41
C VAL A 208 0.40 -3.07 16.96
N ASP A 209 0.60 -2.69 18.22
CA ASP A 209 -0.20 -1.63 18.84
C ASP A 209 0.59 -0.40 19.27
N GLY A 210 1.90 -0.41 19.04
CA GLY A 210 2.72 0.69 19.46
C GLY A 210 2.38 2.08 18.95
N ALA A 211 1.66 2.20 17.84
CA ALA A 211 1.43 3.54 17.25
C ALA A 211 -0.05 3.91 17.16
N THR A 212 -0.88 3.20 17.94
CA THR A 212 -2.34 3.36 17.95
C THR A 212 -2.75 4.84 18.03
N TYR A 213 -3.66 5.26 17.15
CA TYR A 213 -4.16 6.65 17.06
C TYR A 213 -3.17 7.64 16.46
N LYS A 214 -1.94 7.22 16.17
CA LYS A 214 -0.94 8.19 15.76
C LYS A 214 -0.68 8.16 14.24
N ALA A 215 -0.30 9.30 13.69
CA ALA A 215 0.23 9.39 12.34
C ALA A 215 1.70 9.03 12.45
N CYS A 216 2.18 8.12 11.60
CA CYS A 216 3.58 7.76 11.63
C CYS A 216 4.22 8.46 10.47
N GLN A 217 5.08 9.41 10.79
CA GLN A 217 5.75 10.21 9.76
C GLN A 217 7.16 9.69 9.61
N PHE A 218 7.58 9.43 8.38
CA PHE A 218 8.95 9.04 8.12
C PHE A 218 9.65 10.17 7.38
N GLY A 219 10.89 10.46 7.78
CA GLY A 219 11.64 11.54 7.18
C GLY A 219 13.10 11.27 7.42
N GLY A 220 13.96 12.18 6.96
CA GLY A 220 15.38 11.98 7.17
C GLY A 220 16.06 11.69 5.85
N GLU A 221 17.37 11.90 5.86
CA GLU A 221 18.23 11.69 4.72
C GLU A 221 17.95 10.35 4.00
N THR A 222 17.73 9.27 4.74
CA THR A 222 17.52 7.99 4.07
C THR A 222 16.22 8.00 3.25
N VAL A 223 15.19 8.68 3.76
CA VAL A 223 13.91 8.75 3.06
C VAL A 223 13.99 9.64 1.80
N LYS A 224 14.73 10.75 1.92
CA LYS A 224 15.01 11.62 0.77
C LYS A 224 15.61 10.83 -0.41
N LYS A 225 16.58 9.95 -0.14
CA LYS A 225 17.23 9.20 -1.20
C LYS A 225 16.34 8.10 -1.75
N SER A 227 13.30 6.17 -3.54
CA SER A 227 12.35 6.47 -4.60
C SER A 227 10.92 6.54 -4.02
N ILE A 228 10.00 7.06 -4.82
CA ILE A 228 8.58 7.06 -4.46
C ILE A 228 8.11 5.64 -4.18
N ALA A 229 8.50 4.70 -5.04
CA ALA A 229 8.12 3.31 -4.84
C ALA A 229 8.56 2.83 -3.46
N SER A 230 9.81 3.11 -3.10
CA SER A 230 10.30 2.68 -1.81
C SER A 230 9.55 3.39 -0.70
N ARG A 231 9.20 4.66 -0.87
CA ARG A 231 8.48 5.38 0.17
C ARG A 231 7.09 4.78 0.42
N THR A 233 6.14 1.78 0.16
CA THR A 233 6.16 0.51 0.89
C THR A 233 6.14 0.75 2.40
N THR A 235 4.82 3.68 4.07
CA THR A 235 3.54 4.22 4.51
C THR A 235 2.44 3.15 4.38
N ASN A 236 2.60 2.23 3.43
CA ASN A 236 1.68 1.09 3.24
C ASN A 236 1.46 0.34 4.55
N ALA A 238 1.96 1.43 7.81
CA ALA A 238 1.74 2.22 9.03
C ALA A 238 0.65 1.61 9.89
N ILE A 239 -0.44 1.15 9.26
CA ILE A 239 -1.58 0.53 9.95
C ILE A 239 -1.18 -0.76 10.67
N GLU A 240 -0.07 -1.38 10.26
CA GLU A 240 0.35 -2.67 10.83
C GLU A 240 0.94 -2.53 12.23
N GLY A 242 -0.62 -0.17 14.15
CA GLY A 242 -1.74 0.45 14.83
C GLY A 242 -1.84 1.91 14.47
N GLY A 243 -0.89 2.39 13.66
CA GLY A 243 -0.92 3.76 13.18
C GLY A 243 -2.25 4.21 12.61
N LYS A 244 -2.61 5.47 12.86
CA LYS A 244 -3.78 6.07 12.20
C LYS A 244 -3.50 6.25 10.70
N THR A 245 -2.24 6.57 10.37
CA THR A 245 -1.85 6.71 8.99
C THR A 245 -0.34 6.77 8.93
N GLY A 246 0.20 6.90 7.71
CA GLY A 246 1.63 7.04 7.49
C GLY A 246 1.77 8.25 6.60
N ILE A 247 2.85 9.01 6.75
CA ILE A 247 2.98 10.21 5.92
C ILE A 247 4.45 10.53 5.72
N ILE A 248 4.78 10.97 4.51
CA ILE A 248 6.11 11.45 4.20
C ILE A 248 5.92 12.76 3.48
N GLU A 249 6.69 13.77 3.88
CA GLU A 249 6.58 15.09 3.28
C GLU A 249 7.00 15.01 1.83
N PRO A 250 6.45 15.89 1.00
CA PRO A 250 6.80 15.83 -0.42
C PRO A 250 8.16 16.52 -0.67
N ASP A 251 8.89 16.01 -1.64
CA ASP A 251 10.03 16.70 -2.21
C ASP A 251 9.94 16.70 -3.75
N GLU A 252 11.05 17.02 -4.41
CA GLU A 252 11.13 17.05 -5.87
C GLU A 252 10.70 15.75 -6.55
N LYS A 253 11.10 14.61 -5.97
CA LYS A 253 10.70 13.34 -6.55
C LYS A 253 9.18 13.20 -6.49
N THR A 254 8.62 13.57 -5.34
CA THR A 254 7.18 13.49 -5.13
C THR A 254 6.42 14.36 -6.14
N ILE A 255 6.90 15.60 -6.28
CA ILE A 255 6.24 16.57 -7.16
C ILE A 255 6.27 16.09 -8.58
N GLN A 256 7.45 15.63 -9.01
CA GLN A 256 7.59 15.18 -10.38
C GLN A 256 6.79 13.90 -10.67
N TYR A 257 6.71 12.98 -9.70
CA TYR A 257 5.91 11.77 -9.91
C TYR A 257 4.45 12.18 -10.13
N VAL A 258 3.94 13.01 -9.22
CA VAL A 258 2.55 13.44 -9.26
C VAL A 258 2.23 14.24 -10.55
N LYS A 259 3.08 15.19 -10.91
CA LYS A 259 2.88 15.96 -12.14
C LYS A 259 2.92 15.06 -13.39
N GLU A 260 3.88 14.13 -13.44
CA GLU A 260 3.94 13.22 -14.59
C GLU A 260 2.72 12.32 -14.67
N ALA A 261 2.25 11.84 -13.51
CA ALA A 261 1.05 11.00 -13.47
C ALA A 261 -0.20 11.78 -13.94
N LYS A 263 -0.28 14.37 -15.92
CA LYS A 263 -0.19 14.64 -17.35
C LYS A 263 -0.56 13.41 -18.17
N LYS A 264 -0.06 12.25 -17.77
CA LYS A 264 -0.39 11.03 -18.51
C LYS A 264 -1.89 10.73 -18.52
N HIS A 265 -2.59 11.07 -17.44
CA HIS A 265 -3.99 10.64 -17.37
C HIS A 265 -5.01 11.77 -17.45
N GLY A 266 -4.54 13.00 -17.66
CA GLY A 266 -5.42 14.15 -17.82
C GLY A 266 -6.01 14.63 -16.51
N THR A 267 -5.35 14.29 -15.39
CA THR A 267 -5.94 14.57 -14.08
C THR A 267 -5.33 15.76 -13.37
N GLU A 268 -4.76 16.69 -14.13
CA GLU A 268 -4.20 17.91 -13.58
C GLU A 268 -5.19 18.69 -12.71
N ARG A 269 -4.72 19.13 -11.56
CA ARG A 269 -5.47 20.05 -10.73
C ARG A 269 -4.41 20.74 -9.88
N PRO A 270 -4.73 21.93 -9.37
CA PRO A 270 -3.72 22.60 -8.56
C PRO A 270 -3.58 21.92 -7.20
N PHE A 271 -2.38 22.01 -6.62
CA PHE A 271 -2.15 21.46 -5.30
C PHE A 271 -1.11 22.30 -4.61
N GLU A 272 -1.17 22.31 -3.28
CA GLU A 272 -0.18 22.99 -2.45
C GLU A 272 0.72 21.99 -1.73
N VAL A 273 2.02 22.14 -1.92
CA VAL A 273 2.99 21.35 -1.19
C VAL A 273 3.00 21.86 0.25
N ILE A 274 2.65 21.00 1.19
CA ILE A 274 2.55 21.39 2.59
C ILE A 274 3.61 20.63 3.35
N LYS A 275 4.36 21.33 4.21
CA LYS A 275 5.40 20.65 4.98
C LYS A 275 5.25 21.02 6.46
N GLY A 276 5.72 20.16 7.36
CA GLY A 276 5.57 20.46 8.78
C GLY A 276 6.56 21.54 9.22
N ASP A 277 6.34 22.18 10.35
CA ASP A 277 7.27 23.23 10.76
C ASP A 277 8.47 22.64 11.51
N GLU A 278 9.61 23.32 11.44
CA GLU A 278 10.79 22.85 12.14
C GLU A 278 10.52 22.75 13.65
N ASP A 279 9.75 23.68 14.21
CA ASP A 279 9.44 23.59 15.63
C ASP A 279 8.11 22.90 15.96
N ALA A 280 7.68 21.98 15.10
CA ALA A 280 6.44 21.23 15.38
C ALA A 280 6.67 20.29 16.56
N GLU A 281 5.61 20.00 17.31
CA GLU A 281 5.66 19.02 18.39
C GLU A 281 5.29 17.60 17.92
N PHE A 282 6.05 16.62 18.42
CA PHE A 282 5.76 15.21 18.18
C PHE A 282 5.57 14.47 19.49
N ALA A 283 4.68 13.48 19.49
CA ALA A 283 4.50 12.67 20.69
C ALA A 283 5.76 11.88 20.99
N GLU A 284 6.50 11.51 19.94
CA GLU A 284 7.70 10.67 20.04
C GLU A 284 8.54 10.92 18.81
N VAL A 285 9.85 10.76 18.96
CA VAL A 285 10.80 10.86 17.84
C VAL A 285 11.78 9.69 17.89
N TYR A 286 11.81 8.89 16.83
CA TYR A 286 12.75 7.76 16.72
C TYR A 286 13.87 8.09 15.78
N GLU A 287 15.10 7.87 16.23
CA GLU A 287 16.27 7.99 15.36
C GLU A 287 16.57 6.59 14.87
N ILE A 288 16.47 6.38 13.56
CA ILE A 288 16.61 5.04 13.02
C ILE A 288 17.93 5.07 12.28
N GLU A 289 18.85 4.18 12.65
CA GLU A 289 20.11 4.12 11.93
C GLU A 289 20.00 3.18 10.74
N ALA A 290 19.88 3.76 9.54
CA ALA A 290 19.61 3.00 8.32
C ALA A 290 20.76 2.05 7.96
N ASP A 291 21.99 2.46 8.28
CA ASP A 291 23.17 1.65 7.92
C ASP A 291 23.23 0.38 8.76
N LYS A 292 22.42 0.35 9.83
CA LYS A 292 22.29 -0.81 10.70
C LYS A 292 21.17 -1.76 10.30
N ILE A 293 20.27 -1.32 9.43
CA ILE A 293 19.17 -2.20 9.04
C ILE A 293 19.75 -3.36 8.22
N GLU A 294 19.25 -4.57 8.45
CA GLU A 294 19.68 -5.73 7.69
C GLU A 294 18.45 -6.41 7.05
N PRO A 295 18.64 -7.37 6.12
CA PRO A 295 17.45 -8.05 5.56
C PRO A 295 16.71 -8.77 6.66
N VAL A 296 15.38 -8.65 6.69
CA VAL A 296 14.61 -9.24 7.78
C VAL A 296 13.37 -9.97 7.24
N PHE A 297 12.75 -10.79 8.09
CA PHE A 297 11.46 -11.38 7.81
C PHE A 297 10.49 -10.95 8.90
N ALA A 298 9.22 -10.77 8.54
CA ALA A 298 8.16 -10.81 9.52
C ALA A 298 7.68 -12.27 9.52
N CYS A 299 7.72 -12.90 10.69
CA CYS A 299 7.57 -14.36 10.80
C CYS A 299 6.20 -14.72 11.36
N PRO A 300 5.72 -15.95 11.07
CA PRO A 300 4.41 -16.33 11.63
C PRO A 300 4.41 -16.24 13.16
N HIS A 301 3.30 -15.82 13.75
CA HIS A 301 2.14 -15.37 12.98
C HIS A 301 1.83 -13.89 13.24
N ASN A 302 2.87 -13.09 13.43
CA ASN A 302 2.68 -11.65 13.59
C ASN A 302 3.67 -10.77 12.87
N VAL A 303 3.15 -9.72 12.23
CA VAL A 303 3.96 -8.77 11.47
C VAL A 303 5.02 -8.18 12.41
N ASP A 304 4.60 -8.06 13.67
CA ASP A 304 5.38 -7.76 14.86
C ASP A 304 6.63 -8.64 15.10
N ASN A 305 6.57 -9.89 14.68
CA ASN A 305 7.58 -10.93 14.97
C ASN A 305 8.70 -10.88 13.94
N VAL A 306 9.53 -9.84 14.03
CA VAL A 306 10.53 -9.55 13.00
C VAL A 306 11.90 -10.07 13.39
N LYS A 307 12.50 -10.86 12.49
CA LYS A 307 13.80 -11.48 12.75
C LYS A 307 14.79 -11.20 11.63
N GLN A 308 16.04 -10.95 12.02
CA GLN A 308 17.12 -10.94 11.05
C GLN A 308 17.14 -12.25 10.24
N ALA A 309 17.27 -12.13 8.91
CA ALA A 309 17.15 -13.28 8.01
C ALA A 309 18.04 -14.46 8.34
N ARG A 310 19.23 -14.19 8.88
CA ARG A 310 20.21 -15.24 9.12
C ARG A 310 19.71 -16.17 10.21
N GLU A 311 18.98 -15.61 11.17
CA GLU A 311 18.61 -16.38 12.35
C GLU A 311 17.42 -17.32 12.10
N VAL A 312 16.85 -17.24 10.91
CA VAL A 312 15.81 -18.19 10.49
C VAL A 312 16.22 -18.97 9.26
N ALA A 313 17.37 -18.64 8.68
CA ALA A 313 17.77 -19.21 7.40
C ALA A 313 17.89 -20.74 7.45
N GLY A 314 17.46 -21.42 6.39
CA GLY A 314 17.57 -22.87 6.30
C GLY A 314 16.26 -23.61 6.14
N LYS A 315 15.19 -23.06 6.71
CA LYS A 315 13.87 -23.65 6.60
C LYS A 315 13.44 -23.75 5.12
N PRO A 316 13.12 -24.98 4.64
CA PRO A 316 12.67 -25.19 3.26
C PRO A 316 11.39 -24.43 2.96
N ILE A 317 11.15 -24.04 1.71
CA ILE A 317 9.97 -23.27 1.37
C ILE A 317 9.32 -23.76 0.09
N ASP A 318 8.01 -23.57 0.02
CA ASP A 318 7.19 -24.14 -1.05
C ASP A 318 6.77 -23.12 -2.07
N GLN A 319 6.44 -21.91 -1.60
CA GLN A 319 6.03 -20.83 -2.51
C GLN A 319 6.68 -19.49 -2.21
N VAL A 320 6.84 -18.69 -3.26
CA VAL A 320 7.35 -17.33 -3.10
C VAL A 320 6.45 -16.44 -3.93
N PHE A 321 5.97 -15.34 -3.32
CA PHE A 321 5.20 -14.34 -4.07
C PHE A 321 6.00 -13.06 -4.14
N ILE A 322 6.30 -12.65 -5.37
CA ILE A 322 7.09 -11.45 -5.60
C ILE A 322 6.18 -10.44 -6.27
N GLY A 323 5.80 -9.40 -5.54
CA GLY A 323 4.78 -8.48 -6.02
C GLY A 323 3.51 -8.91 -5.32
N SER A 324 2.93 -7.98 -4.57
CA SER A 324 1.82 -8.34 -3.71
C SER A 324 1.10 -7.04 -3.35
N CYS A 325 0.51 -6.99 -2.16
CA CYS A 325 -0.24 -5.82 -1.74
C CYS A 325 0.56 -5.01 -0.72
N THR A 326 1.01 -3.80 -1.09
CA THR A 326 0.87 -3.20 -2.42
C THR A 326 2.30 -2.93 -2.88
N ASN A 327 2.81 -3.79 -3.76
CA ASN A 327 4.15 -3.63 -4.34
C ASN A 327 4.27 -4.51 -5.60
N GLY A 328 5.48 -4.72 -6.09
CA GLY A 328 5.62 -5.27 -7.44
C GLY A 328 5.63 -4.15 -8.45
N ARG A 329 6.07 -2.97 -8.00
CA ARG A 329 6.37 -1.87 -8.93
C ARG A 329 7.65 -2.23 -9.67
N LEU A 330 7.99 -1.49 -10.73
CA LEU A 330 9.15 -1.83 -11.57
C LEU A 330 10.45 -2.03 -10.77
N GLU A 331 10.78 -1.13 -9.85
CA GLU A 331 12.00 -1.33 -9.06
C GLU A 331 11.96 -2.65 -8.27
N ASP A 332 10.78 -3.09 -7.81
CA ASP A 332 10.68 -4.40 -7.16
C ASP A 332 10.96 -5.56 -8.13
N LEU A 333 10.46 -5.46 -9.36
CA LEU A 333 10.63 -6.52 -10.32
C LEU A 333 12.09 -6.59 -10.83
N ARG A 334 12.74 -5.43 -10.97
CA ARG A 334 14.16 -5.38 -11.33
C ARG A 334 15.00 -6.09 -10.31
N ALA A 336 14.31 -8.13 -8.11
CA ALA A 336 14.02 -9.55 -8.02
C ALA A 336 14.62 -10.31 -9.19
N ILE A 337 14.53 -9.76 -10.40
CA ILE A 337 14.97 -10.51 -11.57
C ILE A 337 16.51 -10.53 -11.64
N LYS A 338 17.15 -9.43 -11.25
CA LYS A 338 18.61 -9.39 -11.11
C LYS A 338 19.16 -10.50 -10.19
N ILE A 339 18.57 -10.67 -9.01
CA ILE A 339 18.95 -11.73 -8.08
C ILE A 339 18.81 -13.12 -8.75
N ILE A 340 17.67 -13.35 -9.39
CA ILE A 340 17.34 -14.65 -9.91
C ILE A 340 18.24 -15.01 -11.11
N GLU A 341 18.32 -14.09 -12.06
CA GLU A 341 19.10 -14.31 -13.26
C GLU A 341 20.63 -14.45 -12.94
N LYS A 342 21.13 -13.64 -12.01
CA LYS A 342 22.51 -13.77 -11.55
C LYS A 342 22.88 -15.16 -10.97
N HIS A 343 21.95 -15.77 -10.25
CA HIS A 343 22.21 -17.05 -9.61
C HIS A 343 21.65 -18.23 -10.37
N GLY A 344 21.27 -17.97 -11.62
CA GLY A 344 20.93 -19.04 -12.53
C GLY A 344 19.54 -19.61 -12.37
N GLY A 345 18.58 -18.79 -11.93
CA GLY A 345 17.20 -19.26 -11.85
C GLY A 345 16.72 -19.71 -10.47
N ILE A 346 15.55 -20.35 -10.45
CA ILE A 346 14.91 -20.67 -9.20
C ILE A 346 15.09 -22.14 -8.83
N ALA A 347 15.09 -22.41 -7.53
CA ALA A 347 15.28 -23.75 -7.02
C ALA A 347 14.16 -24.71 -7.47
N ASP A 348 14.39 -26.00 -7.26
CA ASP A 348 13.44 -27.05 -7.62
C ASP A 348 12.33 -27.18 -6.57
N ASP A 349 11.11 -27.41 -7.03
CA ASP A 349 9.97 -27.56 -6.11
C ASP A 349 9.72 -26.30 -5.29
N VAL A 350 9.78 -25.16 -5.98
CA VAL A 350 9.32 -23.89 -5.43
C VAL A 350 8.45 -23.22 -6.48
N ARG A 351 7.19 -22.98 -6.15
CA ARG A 351 6.33 -22.19 -7.03
C ARG A 351 6.58 -20.70 -6.76
N VAL A 352 6.95 -19.96 -7.81
CA VAL A 352 7.27 -18.55 -7.69
C VAL A 352 6.32 -17.76 -8.55
N VAL A 353 5.46 -16.98 -7.89
CA VAL A 353 4.43 -16.18 -8.56
C VAL A 353 4.82 -14.71 -8.57
N VAL A 354 4.85 -14.12 -9.75
CA VAL A 354 5.31 -12.75 -9.90
C VAL A 354 4.13 -11.92 -10.36
N THR A 355 3.79 -10.90 -9.57
CA THR A 355 2.60 -10.14 -9.84
C THR A 355 2.91 -8.67 -9.84
N PRO A 356 3.01 -8.09 -11.05
CA PRO A 356 3.31 -6.66 -11.11
C PRO A 356 2.18 -5.86 -10.47
N ALA A 357 2.49 -4.71 -9.85
CA ALA A 357 1.51 -4.02 -8.98
C ALA A 357 0.33 -3.49 -9.79
N SER A 358 0.58 -3.18 -11.05
CA SER A 358 -0.48 -2.67 -11.91
C SER A 358 -0.19 -2.99 -13.37
N ARG A 359 -1.20 -2.82 -14.21
CA ARG A 359 -1.01 -2.99 -15.64
C ARG A 359 0.10 -2.11 -16.17
N GLU A 360 0.07 -0.84 -15.75
CA GLU A 360 1.06 0.16 -16.13
C GLU A 360 2.49 -0.27 -15.71
N GLU A 361 2.60 -0.87 -14.53
CA GLU A 361 3.88 -1.42 -14.09
C GLU A 361 4.22 -2.71 -14.88
N TYR A 362 3.19 -3.51 -15.18
CA TYR A 362 3.38 -4.69 -16.02
C TYR A 362 3.96 -4.26 -17.35
N LEU A 363 3.45 -3.20 -17.94
CA LEU A 363 3.95 -2.78 -19.24
C LEU A 363 5.42 -2.39 -19.15
N LYS A 364 5.80 -1.69 -18.08
CA LYS A 364 7.18 -1.20 -17.96
C LYS A 364 8.12 -2.38 -17.88
N ALA A 365 7.72 -3.38 -17.10
CA ALA A 365 8.51 -4.59 -16.97
C ALA A 365 8.60 -5.36 -18.30
N LEU A 366 7.51 -5.32 -19.07
CA LEU A 366 7.42 -6.04 -20.34
C LEU A 366 8.43 -5.44 -21.32
N LYS A 367 8.37 -4.14 -21.47
CA LYS A 367 9.28 -3.39 -22.33
C LYS A 367 10.77 -3.57 -21.96
N GLU A 368 11.08 -3.75 -20.67
CA GLU A 368 12.48 -3.93 -20.26
C GLU A 368 12.91 -5.39 -20.29
N GLY A 369 12.07 -6.27 -20.85
CA GLY A 369 12.44 -7.66 -20.98
C GLY A 369 12.41 -8.42 -19.68
N ILE A 370 11.98 -7.75 -18.61
CA ILE A 370 11.96 -8.37 -17.30
C ILE A 370 10.97 -9.52 -17.25
N ILE A 371 9.79 -9.30 -17.79
CA ILE A 371 8.74 -10.32 -17.78
C ILE A 371 9.17 -11.61 -18.52
N GLU A 372 9.73 -11.43 -19.70
CA GLU A 372 10.27 -12.55 -20.50
C GLU A 372 11.27 -13.37 -19.69
N LYS A 373 12.10 -12.69 -18.90
CA LYS A 373 13.08 -13.39 -18.07
C LYS A 373 12.50 -14.15 -16.90
N PHE A 374 11.52 -13.57 -16.17
CA PHE A 374 10.84 -14.32 -15.13
C PHE A 374 10.24 -15.61 -15.71
N LEU A 375 9.64 -15.47 -16.90
CA LEU A 375 9.05 -16.61 -17.60
C LEU A 375 10.10 -17.69 -17.90
N LYS A 376 11.23 -17.26 -18.46
CA LYS A 376 12.37 -18.15 -18.72
C LYS A 376 12.77 -19.03 -17.52
N TYR A 377 12.69 -18.49 -16.30
CA TYR A 377 13.11 -19.29 -15.14
C TYR A 377 11.97 -20.08 -14.50
N GLY A 378 10.87 -20.22 -15.24
CA GLY A 378 9.76 -21.03 -14.77
C GLY A 378 9.00 -20.39 -13.63
N CYS A 379 8.99 -19.06 -13.61
CA CYS A 379 8.16 -18.28 -12.68
C CYS A 379 6.80 -18.08 -13.32
N VAL A 380 5.73 -18.19 -12.53
CA VAL A 380 4.41 -17.82 -13.02
C VAL A 380 4.24 -16.28 -12.92
N VAL A 381 3.89 -15.63 -14.02
CA VAL A 381 3.60 -14.21 -14.00
C VAL A 381 2.08 -14.01 -14.14
N THR A 382 1.46 -13.42 -13.12
CA THR A 382 0.00 -13.28 -13.12
C THR A 382 -0.41 -11.83 -12.97
N ASN A 383 -1.61 -11.48 -13.44
CA ASN A 383 -2.06 -10.09 -13.36
C ASN A 383 -2.47 -9.69 -11.93
N PRO A 384 -2.33 -8.40 -11.58
CA PRO A 384 -2.67 -8.03 -10.20
C PRO A 384 -4.19 -7.99 -10.02
N SER A 385 -4.65 -8.12 -8.79
CA SER A 385 -6.07 -7.83 -8.51
C SER A 385 -6.26 -7.25 -7.14
N CYS A 386 -6.88 -6.07 -7.08
CA CYS A 386 -7.23 -5.42 -5.82
C CYS A 386 -8.02 -6.37 -4.90
N SER A 387 -8.92 -7.17 -5.48
CA SER A 387 -9.71 -8.14 -4.71
C SER A 387 -8.86 -9.16 -3.97
N ALA A 388 -7.72 -9.52 -4.55
CA ALA A 388 -6.84 -10.50 -3.92
C ALA A 388 -6.31 -9.97 -2.59
N CYS A 389 -6.03 -8.67 -2.54
CA CYS A 389 -5.51 -8.05 -1.32
C CYS A 389 -6.49 -8.09 -0.16
N GLY A 391 -8.86 -10.43 0.37
CA GLY A 391 -9.57 -11.67 0.56
C GLY A 391 -9.02 -12.73 1.47
N SER A 392 -9.56 -13.92 1.27
CA SER A 392 -9.11 -15.15 1.89
C SER A 392 -7.93 -15.71 1.10
N LEU A 393 -6.95 -16.22 1.82
CA LEU A 393 -5.84 -16.93 1.18
C LEU A 393 -6.19 -18.42 1.02
N TYR A 394 -7.44 -18.77 1.31
CA TYR A 394 -7.90 -20.14 1.08
C TYR A 394 -7.84 -20.46 -0.42
N GLY A 395 -7.07 -21.49 -0.77
CA GLY A 395 -6.96 -21.86 -2.16
C GLY A 395 -5.61 -21.56 -2.77
N VAL A 396 -4.89 -20.59 -2.20
CA VAL A 396 -3.57 -20.23 -2.73
C VAL A 396 -2.45 -20.98 -2.02
N LEU A 397 -2.53 -21.11 -0.71
CA LEU A 397 -1.54 -21.93 0.00
C LEU A 397 -2.12 -23.29 0.39
N GLY A 398 -1.35 -24.37 0.14
CA GLY A 398 -1.74 -25.70 0.56
C GLY A 398 -1.49 -25.84 2.05
N PRO A 399 -2.04 -26.90 2.67
CA PRO A 399 -1.81 -27.11 4.10
C PRO A 399 -0.34 -27.42 4.42
N GLY A 400 0.17 -26.83 5.49
CA GLY A 400 1.53 -27.06 5.94
C GLY A 400 2.62 -26.48 5.05
N GLU A 401 2.24 -25.74 4.01
CA GLU A 401 3.18 -25.10 3.10
C GLU A 401 3.84 -23.86 3.73
N VAL A 402 5.12 -23.65 3.42
CA VAL A 402 5.82 -22.44 3.85
C VAL A 402 5.92 -21.48 2.66
N CYS A 403 5.60 -20.22 2.89
CA CYS A 403 5.58 -19.22 1.82
C CYS A 403 6.37 -17.98 2.22
N VAL A 404 7.13 -17.41 1.27
CA VAL A 404 7.73 -16.09 1.45
C VAL A 404 6.99 -15.11 0.55
N SER A 405 6.58 -13.97 1.11
CA SER A 405 5.79 -12.98 0.38
C SER A 405 6.34 -11.57 0.53
N THR A 406 6.24 -10.78 -0.54
CA THR A 406 6.58 -9.35 -0.42
C THR A 406 5.36 -8.52 0.02
N SER A 407 4.30 -9.20 0.49
CA SER A 407 3.11 -8.47 0.92
C SER A 407 3.46 -7.43 1.98
N ASN A 408 2.77 -6.30 1.97
CA ASN A 408 2.93 -5.28 3.02
C ASN A 408 1.77 -5.25 3.98
N ARG A 409 0.85 -6.20 3.84
CA ARG A 409 -0.28 -6.31 4.75
C ARG A 409 -0.38 -7.73 5.27
N ASN A 410 -0.87 -7.87 6.50
CA ASN A 410 -1.15 -9.18 7.09
C ASN A 410 -2.48 -9.72 6.58
N PHE A 411 -2.61 -11.05 6.57
CA PHE A 411 -3.88 -11.71 6.27
C PHE A 411 -4.33 -12.50 7.47
N ARG A 412 -4.09 -11.97 8.66
CA ARG A 412 -4.45 -12.68 9.89
C ARG A 412 -5.97 -12.91 9.99
N GLY A 413 -6.32 -13.99 10.69
CA GLY A 413 -7.66 -14.54 10.61
C GLY A 413 -7.65 -15.54 9.47
N ARG A 414 -7.98 -15.07 8.28
CA ARG A 414 -8.02 -15.93 7.09
C ARG A 414 -6.66 -16.13 6.40
N GLN A 415 -5.62 -16.37 7.21
CA GLN A 415 -4.45 -17.13 6.76
C GLN A 415 -4.36 -18.40 7.64
N GLY A 416 -5.13 -19.41 7.24
CA GLY A 416 -6.03 -19.30 6.10
C GLY A 416 -6.24 -20.65 5.46
N SER A 417 -5.14 -21.37 5.25
CA SER A 417 -5.22 -22.71 4.71
C SER A 417 -4.19 -23.71 5.29
N LEU A 418 -4.16 -23.91 6.61
CA LEU A 418 -4.81 -23.10 7.63
C LEU A 418 -3.69 -22.69 8.58
N GLU A 419 -2.80 -23.65 8.83
CA GLU A 419 -1.56 -23.40 9.56
C GLU A 419 -0.42 -23.25 8.56
N ALA A 420 -0.73 -22.75 7.36
CA ALA A 420 0.31 -22.40 6.39
C ALA A 420 1.19 -21.35 7.04
N GLU A 421 2.47 -21.38 6.73
CA GLU A 421 3.40 -20.40 7.28
C GLU A 421 3.75 -19.35 6.23
N ILE A 422 3.69 -18.08 6.63
CA ILE A 422 3.96 -16.98 5.71
C ILE A 422 4.92 -15.98 6.31
N TYR A 423 6.01 -15.77 5.58
CA TYR A 423 7.06 -14.89 6.02
C TYR A 423 7.03 -13.68 5.10
N LEU A 424 6.95 -12.47 5.66
CA LEU A 424 7.03 -11.26 4.83
C LEU A 424 8.48 -10.81 4.67
N ALA A 425 8.84 -10.33 3.48
CA ALA A 425 10.22 -10.00 3.14
C ALA A 425 10.23 -8.92 2.07
N SER A 426 11.42 -8.40 1.76
CA SER A 426 11.57 -7.49 0.64
C SER A 426 11.57 -8.30 -0.66
N PRO A 427 11.49 -7.61 -1.82
CA PRO A 427 11.58 -8.36 -3.07
C PRO A 427 12.96 -9.02 -3.29
N ILE A 428 14.01 -8.41 -2.74
CA ILE A 428 15.36 -8.98 -2.86
C ILE A 428 15.46 -10.29 -2.08
N THR A 429 15.04 -10.24 -0.81
CA THR A 429 15.05 -11.43 0.02
C THR A 429 14.09 -12.50 -0.53
N ALA A 430 12.90 -12.08 -0.99
CA ALA A 430 11.99 -13.03 -1.59
C ALA A 430 12.64 -13.73 -2.77
N ALA A 431 13.37 -12.98 -3.60
CA ALA A 431 14.01 -13.54 -4.78
C ALA A 431 15.11 -14.53 -4.35
N ALA A 432 15.91 -14.13 -3.36
CA ALA A 432 16.92 -15.01 -2.78
C ALA A 432 16.30 -16.35 -2.36
N CYS A 433 15.23 -16.27 -1.58
CA CYS A 433 14.52 -17.47 -1.11
C CYS A 433 14.06 -18.36 -2.26
N ALA A 434 13.68 -17.75 -3.37
CA ALA A 434 13.21 -18.48 -4.53
C ALA A 434 14.40 -19.23 -5.14
N VAL A 435 15.56 -18.56 -5.17
CA VAL A 435 16.82 -19.13 -5.63
C VAL A 435 17.32 -20.34 -4.81
N LYS A 436 17.35 -20.22 -3.49
CA LYS A 436 17.86 -21.31 -2.65
C LYS A 436 16.83 -22.37 -2.27
N GLY A 437 15.54 -22.05 -2.36
CA GLY A 437 14.52 -23.00 -1.95
C GLY A 437 14.39 -23.08 -0.43
N GLU A 438 15.03 -22.14 0.26
CA GLU A 438 14.87 -22.01 1.70
C GLU A 438 14.95 -20.56 2.17
N LEU A 439 14.44 -20.28 3.37
CA LEU A 439 14.66 -18.99 3.99
C LEU A 439 16.17 -18.76 3.96
N VAL A 440 16.61 -17.61 3.45
CA VAL A 440 18.03 -17.29 3.34
C VAL A 440 18.23 -15.80 3.43
N ASP A 441 19.39 -15.36 3.92
CA ASP A 441 19.76 -13.95 3.84
C ASP A 441 20.31 -13.70 2.43
N PRO A 442 19.77 -12.70 1.71
CA PRO A 442 20.21 -12.48 0.33
C PRO A 442 21.70 -12.22 0.20
N ARG A 443 22.33 -11.70 1.25
CA ARG A 443 23.78 -11.47 1.23
C ARG A 443 24.58 -12.78 1.27
N ASP A 444 23.90 -13.90 1.54
CA ASP A 444 24.57 -15.19 1.73
C ASP A 444 24.41 -16.14 0.53
N LEU A 445 23.90 -15.66 -0.60
CA LEU A 445 23.72 -16.54 -1.76
C LEU A 445 25.05 -16.82 -2.51
#